data_1E40
#
_entry.id   1E40
#
_cell.length_a   52.720
_cell.length_b   78.270
_cell.length_c   238.860
_cell.angle_alpha   90.00
_cell.angle_beta   90.00
_cell.angle_gamma   90.00
#
_symmetry.space_group_name_H-M   'C 2 2 21'
#
loop_
_entity.id
_entity.type
_entity.pdbx_description
1 polymer ALPHA-AMYLASE
2 branched alpha-D-glucopyranose-(1-4)-alpha-D-glucopyranose-(1-4)-alpha-D-glucopyranose
3 non-polymer 'CALCIUM ION'
4 non-polymer 'SODIUM ION'
5 non-polymer 2-AMINO-2-HYDROXYMETHYL-PROPANE-1,3-DIOL
6 water water
#
_entity_poly.entity_id   1
_entity_poly.type   'polypeptide(L)'
_entity_poly.pdbx_seq_one_letter_code
;VNGTLMQYFEWYTPNDGQHWKRLQNDAEHLSDIGITAVWIPPAYKGLSQSDNGYGPYDLYDLGEFQQKGTVRTKYGTKSE
LQDAIGSLHSRNVQVYGDVVLNHKAGADATEDVTAVEVNPANRNQETSEEYQIKAWTDFRFPGRGNTYSDFKWHWYHFDG
ADWDESRKISRIFKFRGEGKAWDWEVSSENGNYDYLMYADVDYDHPDVVAETKKWGIWYANELSLDGFRIDAAKHIKFSF
LRDWVQAVRQATGKEMFTVAEYWQNNAGKLENYLNKTSFNQSVFDVPLHFNLQAASSQGGGYDMRKLLNGTVVSKHPLKS
VTFVDNHDTQPGQSLESTVQTWFKPLAYAFILTRESGYPQVFYGDMYGTKGDSQREIPALKHKIEPILKARKQYAYGAQH
DYFDHHDIVGWTREGDSSVANSGLAALITDGPGGAKRMYVGRQNAGETWHDITGNRSEPVVINSEGWGEFHVNGGSVSIY
VQR
;
_entity_poly.pdbx_strand_id   A
#
loop_
_chem_comp.id
_chem_comp.type
_chem_comp.name
_chem_comp.formula
CA non-polymer 'CALCIUM ION' 'Ca 2'
GLC D-saccharide, alpha linking alpha-D-glucopyranose 'C6 H12 O6'
NA non-polymer 'SODIUM ION' 'Na 1'
TRS non-polymer 2-AMINO-2-HYDROXYMETHYL-PROPANE-1,3-DIOL 'C4 H12 N O3 1'
#
# COMPACT_ATOMS: atom_id res chain seq x y z
N VAL A 1 7.67 14.33 15.23
CA VAL A 1 6.83 13.11 15.47
C VAL A 1 7.01 12.10 14.35
N ASN A 2 7.01 10.83 14.69
CA ASN A 2 7.18 9.76 13.71
C ASN A 2 5.90 9.63 12.90
N GLY A 3 5.98 9.59 11.57
CA GLY A 3 4.76 9.46 10.78
C GLY A 3 4.34 7.99 10.73
N THR A 4 3.04 7.78 10.66
CA THR A 4 2.47 6.43 10.53
C THR A 4 1.29 6.46 9.56
N LEU A 5 1.34 5.63 8.53
CA LEU A 5 0.28 5.54 7.54
C LEU A 5 -0.76 4.48 7.92
N MET A 6 -2.03 4.75 7.66
CA MET A 6 -3.07 3.75 7.90
C MET A 6 -3.78 3.40 6.59
N GLN A 7 -3.84 2.14 6.21
CA GLN A 7 -4.59 1.73 5.01
C GLN A 7 -6.05 1.63 5.54
N TYR A 8 -6.94 2.47 5.06
CA TYR A 8 -8.30 2.44 5.65
C TYR A 8 -9.34 1.64 4.90
N PHE A 9 -9.10 0.37 4.72
CA PHE A 9 -10.05 -0.53 4.09
C PHE A 9 -9.46 -1.94 4.07
N GLU A 10 -10.30 -2.91 3.83
CA GLU A 10 -9.85 -4.31 3.64
C GLU A 10 -10.68 -4.83 2.43
N TRP A 11 -10.31 -5.98 1.90
CA TRP A 11 -11.02 -6.49 0.74
C TRP A 11 -12.53 -6.61 0.98
N TYR A 12 -12.94 -7.04 2.18
CA TYR A 12 -14.36 -7.28 2.43
C TYR A 12 -15.11 -6.16 3.15
N THR A 13 -14.69 -4.92 2.98
CA THR A 13 -15.46 -3.81 3.55
C THR A 13 -16.84 -3.91 2.87
N PRO A 14 -17.91 -3.73 3.60
CA PRO A 14 -19.26 -3.94 3.08
C PRO A 14 -19.72 -2.97 2.01
N ASN A 15 -20.59 -3.40 1.12
CA ASN A 15 -21.14 -2.50 0.11
C ASN A 15 -22.39 -1.82 0.69
N ASP A 16 -22.21 -1.04 1.75
CA ASP A 16 -23.36 -0.39 2.37
C ASP A 16 -23.36 1.10 2.09
N GLY A 17 -22.40 1.64 1.35
CA GLY A 17 -22.33 3.07 1.09
C GLY A 17 -22.03 3.96 2.29
N GLN A 18 -21.50 3.41 3.37
CA GLN A 18 -21.20 4.19 4.57
C GLN A 18 -19.71 4.27 4.93
N HIS A 19 -18.82 3.77 4.10
CA HIS A 19 -17.38 3.79 4.43
C HIS A 19 -16.87 5.22 4.62
N TRP A 20 -17.34 6.21 3.84
CA TRP A 20 -16.84 7.57 4.08
C TRP A 20 -17.32 8.15 5.42
N LYS A 21 -18.52 7.78 5.84
CA LYS A 21 -19.06 8.18 7.14
C LYS A 21 -18.27 7.50 8.24
N ARG A 22 -17.93 6.23 8.02
CA ARG A 22 -17.15 5.54 9.06
C ARG A 22 -15.84 6.31 9.23
N LEU A 23 -15.23 6.69 8.12
CA LEU A 23 -13.93 7.37 8.24
C LEU A 23 -14.08 8.69 9.00
N GLN A 24 -15.16 9.38 8.65
CA GLN A 24 -15.41 10.68 9.30
C GLN A 24 -15.56 10.46 10.82
N ASN A 25 -16.32 9.45 11.20
CA ASN A 25 -16.48 9.19 12.62
C ASN A 25 -15.19 8.68 13.28
N ASP A 26 -14.23 8.14 12.55
CA ASP A 26 -13.00 7.63 13.19
C ASP A 26 -11.85 8.62 13.24
N ALA A 27 -11.97 9.82 12.69
CA ALA A 27 -10.88 10.77 12.60
C ALA A 27 -10.23 11.15 13.92
N GLU A 28 -11.03 11.43 14.95
CA GLU A 28 -10.42 11.79 16.23
C GLU A 28 -9.60 10.65 16.79
N HIS A 29 -10.18 9.46 16.70
CA HIS A 29 -9.53 8.26 17.25
C HIS A 29 -8.21 7.99 16.55
N LEU A 30 -8.20 8.06 15.22
CA LEU A 30 -6.96 7.83 14.47
C LEU A 30 -5.96 8.89 14.88
N SER A 31 -6.39 10.18 14.88
CA SER A 31 -5.38 11.17 15.33
C SER A 31 -4.88 10.86 16.75
N ASP A 32 -5.76 10.46 17.68
CA ASP A 32 -5.28 10.17 19.05
C ASP A 32 -4.30 8.99 19.11
N ILE A 33 -4.38 7.94 18.27
CA ILE A 33 -3.41 6.86 18.39
C ILE A 33 -2.10 7.09 17.64
N GLY A 34 -1.95 8.23 16.97
CA GLY A 34 -0.69 8.47 16.27
C GLY A 34 -0.69 8.29 14.79
N ILE A 35 -1.84 8.12 14.13
CA ILE A 35 -1.86 8.02 12.66
C ILE A 35 -1.70 9.41 12.07
N THR A 36 -0.75 9.58 11.14
CA THR A 36 -0.54 10.87 10.49
C THR A 36 -1.02 10.91 9.04
N ALA A 37 -1.32 9.78 8.42
CA ALA A 37 -1.78 9.83 7.02
C ALA A 37 -2.68 8.63 6.80
N VAL A 38 -3.76 8.78 6.03
CA VAL A 38 -4.67 7.72 5.66
C VAL A 38 -4.66 7.50 4.14
N TRP A 39 -4.52 6.24 3.75
CA TRP A 39 -4.64 5.78 2.37
C TRP A 39 -6.09 5.34 2.18
N ILE A 40 -6.87 6.04 1.34
CA ILE A 40 -8.26 5.65 1.10
C ILE A 40 -8.33 4.83 -0.19
N PRO A 41 -9.29 3.93 -0.35
CA PRO A 41 -9.48 3.12 -1.53
C PRO A 41 -9.91 3.98 -2.75
N PRO A 42 -9.83 3.41 -3.93
CA PRO A 42 -10.22 4.12 -5.14
C PRO A 42 -11.60 4.71 -4.92
N ALA A 43 -11.71 6.02 -5.09
CA ALA A 43 -12.94 6.74 -4.81
C ALA A 43 -13.87 6.99 -6.00
N TYR A 44 -13.52 6.59 -7.19
CA TYR A 44 -14.21 6.84 -8.43
C TYR A 44 -15.05 5.65 -8.83
N LYS A 45 -16.01 5.89 -9.71
CA LYS A 45 -16.98 4.89 -10.11
C LYS A 45 -16.39 3.68 -10.82
N GLY A 46 -16.68 2.49 -10.34
CA GLY A 46 -16.25 1.21 -10.85
C GLY A 46 -17.19 0.59 -11.86
N LEU A 47 -16.86 -0.58 -12.39
CA LEU A 47 -17.71 -1.24 -13.39
C LEU A 47 -19.08 -1.58 -12.79
N SER A 48 -19.21 -1.65 -11.48
CA SER A 48 -20.48 -1.85 -10.80
C SER A 48 -20.34 -1.18 -9.41
N GLN A 49 -21.46 -1.06 -8.74
CA GLN A 49 -21.59 -0.46 -7.43
C GLN A 49 -20.72 -1.18 -6.40
N SER A 50 -20.66 -2.50 -6.46
CA SER A 50 -19.91 -3.31 -5.53
C SER A 50 -18.43 -3.54 -5.86
N ASP A 51 -17.93 -3.06 -6.96
CA ASP A 51 -16.49 -3.21 -7.25
C ASP A 51 -15.69 -2.41 -6.22
N ASN A 52 -14.56 -2.94 -5.77
CA ASN A 52 -13.72 -2.27 -4.79
C ASN A 52 -13.08 -1.02 -5.35
N GLY A 53 -13.06 -0.76 -6.64
CA GLY A 53 -12.40 0.42 -7.18
C GLY A 53 -11.25 0.07 -8.12
N TYR A 54 -10.80 -1.19 -8.11
CA TYR A 54 -9.72 -1.62 -8.99
C TYR A 54 -10.20 -2.04 -10.37
N GLY A 55 -11.50 -1.95 -10.67
CA GLY A 55 -11.95 -2.07 -12.06
C GLY A 55 -12.66 -0.75 -12.42
N PRO A 56 -11.93 0.38 -12.41
CA PRO A 56 -12.51 1.68 -12.61
C PRO A 56 -13.15 1.94 -13.97
N TYR A 57 -14.37 2.46 -13.92
CA TYR A 57 -15.09 2.92 -15.10
C TYR A 57 -14.84 4.40 -15.41
N ASP A 58 -15.06 5.31 -14.49
CA ASP A 58 -14.93 6.73 -14.79
C ASP A 58 -14.20 7.47 -13.67
N LEU A 59 -12.97 7.88 -13.93
CA LEU A 59 -12.18 8.56 -12.92
C LEU A 59 -12.74 9.93 -12.50
N TYR A 60 -13.62 10.52 -13.27
CA TYR A 60 -14.20 11.83 -12.93
C TYR A 60 -15.53 11.71 -12.20
N ASP A 61 -16.00 10.51 -11.88
CA ASP A 61 -17.26 10.28 -11.16
C ASP A 61 -16.89 9.83 -9.73
N LEU A 62 -16.83 10.75 -8.76
CA LEU A 62 -16.46 10.37 -7.41
C LEU A 62 -17.71 10.00 -6.59
N GLY A 63 -18.76 9.55 -7.30
CA GLY A 63 -20.00 9.23 -6.61
C GLY A 63 -21.03 10.37 -6.65
N GLU A 64 -21.24 11.01 -7.80
CA GLU A 64 -22.27 12.06 -7.86
C GLU A 64 -23.09 11.99 -9.14
N PHE A 65 -22.74 11.02 -10.00
CA PHE A 65 -23.45 10.89 -11.27
C PHE A 65 -24.10 9.51 -11.30
N GLN A 66 -25.25 9.48 -11.97
CA GLN A 66 -26.01 8.24 -12.11
C GLN A 66 -25.41 7.45 -13.26
N GLN A 67 -24.64 6.41 -12.92
CA GLN A 67 -23.95 5.63 -13.92
C GLN A 67 -23.75 4.22 -13.34
N LYS A 68 -23.90 3.20 -14.18
CA LYS A 68 -23.82 1.80 -13.74
C LYS A 68 -24.92 1.48 -12.75
N GLY A 69 -26.08 2.11 -12.89
CA GLY A 69 -27.22 1.94 -12.03
C GLY A 69 -27.09 2.56 -10.64
N THR A 70 -26.05 3.37 -10.37
CA THR A 70 -25.91 3.89 -9.01
C THR A 70 -25.33 5.29 -9.03
N VAL A 71 -25.61 6.09 -8.00
CA VAL A 71 -25.00 7.41 -7.86
C VAL A 71 -23.71 7.22 -7.08
N ARG A 72 -23.87 6.72 -5.85
CA ARG A 72 -22.74 6.47 -4.97
C ARG A 72 -21.79 5.40 -5.50
N THR A 73 -20.53 5.41 -5.02
CA THR A 73 -19.62 4.29 -5.33
C THR A 73 -19.90 3.24 -4.25
N LYS A 74 -19.12 2.19 -4.16
CA LYS A 74 -19.30 1.24 -3.06
C LYS A 74 -19.19 1.95 -1.71
N TYR A 75 -18.26 2.92 -1.67
CA TYR A 75 -17.90 3.57 -0.42
C TYR A 75 -18.80 4.71 0.02
N GLY A 76 -19.53 5.36 -0.88
CA GLY A 76 -20.42 6.46 -0.47
C GLY A 76 -20.45 7.50 -1.59
N THR A 77 -20.99 8.67 -1.27
CA THR A 77 -21.11 9.75 -2.25
C THR A 77 -19.96 10.74 -2.17
N LYS A 78 -19.85 11.59 -3.22
CA LYS A 78 -18.73 12.55 -3.19
C LYS A 78 -18.76 13.46 -1.97
N SER A 79 -19.95 14.04 -1.65
CA SER A 79 -19.99 14.97 -0.54
C SER A 79 -19.66 14.28 0.79
N GLU A 80 -19.94 13.00 0.94
CA GLU A 80 -19.59 12.28 2.15
C GLU A 80 -18.07 12.12 2.26
N LEU A 81 -17.43 11.88 1.11
CA LEU A 81 -15.97 11.78 1.11
C LEU A 81 -15.32 13.14 1.42
N GLN A 82 -15.88 14.23 0.86
CA GLN A 82 -15.32 15.55 1.15
C GLN A 82 -15.44 15.88 2.63
N ASP A 83 -16.58 15.60 3.26
CA ASP A 83 -16.72 15.81 4.70
C ASP A 83 -15.75 14.94 5.49
N ALA A 84 -15.50 13.69 5.08
CA ALA A 84 -14.54 12.86 5.83
C ALA A 84 -13.15 13.46 5.75
N ILE A 85 -12.75 13.91 4.57
CA ILE A 85 -11.42 14.49 4.38
C ILE A 85 -11.31 15.76 5.22
N GLY A 86 -12.43 16.49 5.30
CA GLY A 86 -12.48 17.70 6.10
C GLY A 86 -12.25 17.38 7.59
N SER A 87 -12.90 16.35 8.12
CA SER A 87 -12.63 16.01 9.51
C SER A 87 -11.19 15.53 9.74
N LEU A 88 -10.63 14.80 8.76
CA LEU A 88 -9.23 14.36 8.99
C LEU A 88 -8.30 15.57 9.06
N HIS A 89 -8.49 16.46 8.10
CA HIS A 89 -7.64 17.63 7.94
C HIS A 89 -7.72 18.52 9.17
N SER A 90 -8.88 18.68 9.81
CA SER A 90 -8.88 19.56 10.98
C SER A 90 -8.23 18.87 12.17
N ARG A 91 -7.76 17.63 12.04
CA ARG A 91 -7.02 16.98 13.11
C ARG A 91 -5.60 16.66 12.70
N ASN A 92 -5.11 17.36 11.68
CA ASN A 92 -3.79 17.23 11.11
C ASN A 92 -3.41 15.84 10.63
N VAL A 93 -4.34 15.16 9.98
CA VAL A 93 -4.06 13.85 9.39
C VAL A 93 -4.11 14.05 7.88
N GLN A 94 -3.13 13.57 7.14
CA GLN A 94 -3.07 13.74 5.70
C GLN A 94 -3.87 12.64 4.97
N VAL A 95 -4.20 12.90 3.71
CA VAL A 95 -4.98 11.93 2.94
C VAL A 95 -4.30 11.58 1.64
N TYR A 96 -4.07 10.30 1.41
CA TYR A 96 -3.46 9.81 0.17
C TYR A 96 -4.53 9.09 -0.66
N GLY A 97 -4.73 9.43 -1.91
CA GLY A 97 -5.71 8.82 -2.77
C GLY A 97 -5.11 7.68 -3.59
N ASP A 98 -5.90 6.61 -3.73
CA ASP A 98 -5.47 5.46 -4.54
C ASP A 98 -5.64 5.86 -5.99
N VAL A 99 -4.68 5.55 -6.83
CA VAL A 99 -4.67 5.96 -8.24
C VAL A 99 -4.59 4.72 -9.12
N VAL A 100 -5.64 4.42 -9.85
CA VAL A 100 -5.71 3.25 -10.71
C VAL A 100 -5.70 3.66 -12.18
N LEU A 101 -4.50 3.66 -12.77
CA LEU A 101 -4.34 4.09 -14.14
C LEU A 101 -3.99 3.06 -15.19
N ASN A 102 -3.75 1.80 -14.84
CA ASN A 102 -3.30 0.82 -15.81
C ASN A 102 -4.31 0.47 -16.89
N HIS A 103 -5.56 0.38 -16.51
CA HIS A 103 -6.64 -0.04 -17.37
C HIS A 103 -7.98 0.62 -17.06
N LYS A 104 -8.99 0.39 -17.90
CA LYS A 104 -10.34 0.86 -17.73
C LYS A 104 -11.31 -0.33 -17.88
N ALA A 105 -12.35 -0.43 -17.07
CA ALA A 105 -13.28 -1.56 -17.18
C ALA A 105 -14.71 -1.07 -17.30
N GLY A 106 -15.64 -1.86 -17.84
CA GLY A 106 -17.03 -1.51 -17.93
C GLY A 106 -17.46 -0.59 -19.04
N ALA A 107 -16.84 -0.68 -20.23
CA ALA A 107 -17.19 0.15 -21.36
C ALA A 107 -18.70 0.09 -21.60
N ASP A 108 -19.21 1.14 -22.24
CA ASP A 108 -20.62 1.24 -22.61
C ASP A 108 -20.93 0.37 -23.84
N ALA A 109 -19.97 0.13 -24.74
CA ALA A 109 -20.28 -0.69 -25.91
C ALA A 109 -19.03 -1.27 -26.51
N THR A 110 -19.17 -2.17 -27.48
CA THR A 110 -18.03 -2.78 -28.15
C THR A 110 -17.69 -1.99 -29.40
N GLU A 111 -16.50 -2.14 -29.93
CA GLU A 111 -16.08 -1.56 -31.20
C GLU A 111 -15.39 -2.67 -32.00
N ASP A 112 -15.33 -2.60 -33.31
CA ASP A 112 -14.63 -3.58 -34.14
C ASP A 112 -13.13 -3.20 -34.15
N VAL A 113 -12.22 -4.10 -33.87
CA VAL A 113 -10.81 -3.78 -33.81
C VAL A 113 -10.04 -4.90 -34.49
N THR A 114 -8.99 -4.58 -35.18
CA THR A 114 -8.11 -5.57 -35.75
C THR A 114 -7.06 -5.86 -34.67
N ALA A 115 -6.94 -7.14 -34.32
CA ALA A 115 -6.02 -7.60 -33.31
C ALA A 115 -5.25 -8.89 -33.62
N VAL A 116 -4.21 -9.19 -32.85
CA VAL A 116 -3.44 -10.43 -32.91
C VAL A 116 -3.30 -10.99 -31.48
N GLU A 117 -3.22 -12.29 -31.30
CA GLU A 117 -2.99 -12.90 -30.02
C GLU A 117 -1.50 -12.93 -29.68
N VAL A 118 -1.18 -12.89 -28.40
CA VAL A 118 0.26 -12.96 -28.05
C VAL A 118 0.47 -14.10 -27.04
N ASN A 119 1.69 -14.57 -26.91
CA ASN A 119 2.03 -15.65 -25.96
C ASN A 119 1.99 -15.10 -24.53
N PRO A 120 1.13 -15.65 -23.69
CA PRO A 120 0.93 -15.19 -22.32
C PRO A 120 2.21 -15.23 -21.51
N ALA A 121 3.18 -16.06 -21.92
CA ALA A 121 4.45 -16.09 -21.18
C ALA A 121 5.48 -15.24 -21.88
N ASN A 122 5.16 -14.74 -23.09
CA ASN A 122 6.10 -13.85 -23.78
C ASN A 122 5.29 -12.92 -24.69
N ARG A 123 4.84 -11.83 -24.07
CA ARG A 123 3.94 -10.91 -24.81
C ARG A 123 4.67 -10.21 -25.94
N ASN A 124 5.98 -10.38 -26.09
CA ASN A 124 6.60 -9.77 -27.27
C ASN A 124 6.33 -10.71 -28.45
N GLN A 125 5.85 -11.94 -28.23
CA GLN A 125 5.66 -12.84 -29.36
C GLN A 125 4.20 -12.83 -29.84
N GLU A 126 3.99 -12.56 -31.12
CA GLU A 126 2.63 -12.68 -31.67
C GLU A 126 2.43 -14.12 -32.06
N THR A 127 1.33 -14.72 -31.71
CA THR A 127 1.02 -16.10 -32.00
C THR A 127 -0.14 -16.32 -32.96
N SER A 128 -0.69 -15.29 -33.60
CA SER A 128 -1.77 -15.53 -34.54
C SER A 128 -1.56 -14.52 -35.67
N GLU A 129 -2.34 -14.71 -36.72
CA GLU A 129 -2.38 -13.75 -37.83
C GLU A 129 -3.42 -12.72 -37.34
N GLU A 130 -3.48 -11.57 -37.95
CA GLU A 130 -4.42 -10.56 -37.50
C GLU A 130 -5.85 -10.90 -37.88
N TYR A 131 -6.81 -10.57 -37.02
CA TYR A 131 -8.22 -10.79 -37.34
C TYR A 131 -9.10 -9.83 -36.50
N GLN A 132 -10.38 -9.81 -36.84
CA GLN A 132 -11.28 -8.86 -36.21
C GLN A 132 -11.98 -9.33 -34.96
N ILE A 133 -11.94 -8.47 -33.94
CA ILE A 133 -12.70 -8.86 -32.74
C ILE A 133 -13.69 -7.74 -32.34
N LYS A 134 -14.55 -8.03 -31.34
CA LYS A 134 -15.43 -6.99 -30.80
C LYS A 134 -14.99 -6.83 -29.35
N ALA A 135 -14.34 -5.69 -29.08
CA ALA A 135 -13.76 -5.44 -27.76
C ALA A 135 -14.53 -4.38 -26.99
N TRP A 136 -14.49 -4.43 -25.67
CA TRP A 136 -15.19 -3.40 -24.88
C TRP A 136 -14.33 -2.19 -24.65
N THR A 137 -14.34 -1.22 -25.57
CA THR A 137 -13.48 -0.05 -25.50
C THR A 137 -14.20 1.29 -25.63
N ASP A 138 -15.50 1.31 -25.84
CA ASP A 138 -16.21 2.56 -26.09
C ASP A 138 -16.69 3.12 -24.73
N PHE A 139 -16.07 4.17 -24.21
CA PHE A 139 -16.43 4.76 -22.93
C PHE A 139 -17.06 6.15 -23.18
N ARG A 140 -18.35 6.28 -22.95
CA ARG A 140 -19.09 7.51 -23.25
C ARG A 140 -19.53 8.33 -22.01
N PHE A 141 -19.68 7.75 -20.86
CA PHE A 141 -20.06 8.40 -19.61
C PHE A 141 -21.43 9.09 -19.71
N PRO A 142 -22.48 8.33 -20.01
CA PRO A 142 -23.80 8.88 -20.25
C PRO A 142 -24.38 9.65 -19.07
N GLY A 143 -24.09 9.31 -17.84
CA GLY A 143 -24.65 10.03 -16.71
C GLY A 143 -23.85 11.28 -16.37
N ARG A 144 -22.63 11.46 -16.84
CA ARG A 144 -21.80 12.61 -16.54
C ARG A 144 -21.83 13.66 -17.67
N GLY A 145 -21.97 13.18 -18.90
CA GLY A 145 -21.95 14.13 -20.03
C GLY A 145 -20.53 14.69 -20.11
N ASN A 146 -20.41 15.99 -20.36
CA ASN A 146 -19.09 16.62 -20.48
C ASN A 146 -18.65 17.30 -19.18
N THR A 147 -19.32 17.06 -18.06
CA THR A 147 -18.97 17.74 -16.82
C THR A 147 -17.51 17.44 -16.44
N TYR A 148 -16.72 18.47 -16.21
CA TYR A 148 -15.32 18.38 -15.90
C TYR A 148 -14.44 17.96 -17.10
N SER A 149 -14.88 17.11 -18.02
CA SER A 149 -13.92 16.71 -19.09
C SER A 149 -14.72 16.17 -20.25
N ASP A 150 -14.49 16.66 -21.46
CA ASP A 150 -15.28 16.14 -22.57
C ASP A 150 -14.54 14.98 -23.22
N PHE A 151 -13.48 14.40 -22.68
CA PHE A 151 -12.76 13.31 -23.35
C PHE A 151 -13.52 11.99 -23.36
N LYS A 152 -13.64 11.35 -24.52
CA LYS A 152 -14.30 10.06 -24.64
C LYS A 152 -13.26 9.00 -25.04
N TRP A 153 -13.43 7.76 -24.62
CA TRP A 153 -12.41 6.78 -24.99
C TRP A 153 -12.83 5.84 -26.11
N HIS A 154 -11.88 5.41 -26.93
CA HIS A 154 -12.09 4.45 -27.98
C HIS A 154 -10.95 3.43 -28.03
N TRP A 155 -11.17 2.38 -28.85
CA TRP A 155 -10.11 1.35 -28.96
C TRP A 155 -8.71 1.91 -29.16
N TYR A 156 -8.53 2.96 -29.96
CA TYR A 156 -7.17 3.41 -30.27
C TYR A 156 -6.46 4.05 -29.09
N HIS A 157 -7.12 4.21 -27.96
CA HIS A 157 -6.50 4.73 -26.74
C HIS A 157 -5.95 3.58 -25.86
N PHE A 158 -6.10 2.36 -26.30
CA PHE A 158 -5.66 1.19 -25.57
C PHE A 158 -4.68 0.33 -26.38
N ASP A 159 -3.81 -0.41 -25.69
CA ASP A 159 -2.87 -1.29 -26.38
C ASP A 159 -3.48 -2.68 -26.62
N GLY A 160 -4.41 -3.13 -25.79
CA GLY A 160 -4.97 -4.45 -25.97
C GLY A 160 -6.07 -4.74 -24.95
N ALA A 161 -6.62 -5.95 -25.03
CA ALA A 161 -7.71 -6.33 -24.16
C ALA A 161 -7.74 -7.83 -24.02
N ASP A 162 -8.65 -8.37 -23.21
CA ASP A 162 -8.65 -9.82 -23.01
C ASP A 162 -9.93 -10.55 -23.37
N TRP A 163 -10.82 -9.93 -24.13
CA TRP A 163 -12.07 -10.60 -24.42
C TRP A 163 -12.62 -10.21 -25.78
N ASP A 164 -13.02 -11.13 -26.60
CA ASP A 164 -13.60 -10.81 -27.93
C ASP A 164 -15.09 -11.19 -27.74
N GLU A 165 -15.99 -10.23 -27.88
CA GLU A 165 -17.41 -10.49 -27.67
C GLU A 165 -18.02 -11.27 -28.84
N SER A 166 -17.37 -11.22 -29.98
CA SER A 166 -17.78 -11.89 -31.19
C SER A 166 -17.73 -13.40 -30.98
N ARG A 167 -16.53 -13.94 -30.74
CA ARG A 167 -16.33 -15.34 -30.52
C ARG A 167 -16.54 -15.75 -29.06
N LYS A 168 -16.68 -14.81 -28.12
CA LYS A 168 -16.80 -15.16 -26.72
C LYS A 168 -15.60 -16.01 -26.26
N ILE A 169 -14.41 -15.50 -26.55
CA ILE A 169 -13.17 -16.12 -26.11
C ILE A 169 -12.25 -15.09 -25.42
N SER A 170 -11.51 -15.63 -24.46
CA SER A 170 -10.56 -14.89 -23.66
C SER A 170 -9.11 -15.21 -24.05
N ARG A 171 -8.39 -14.23 -24.55
CA ARG A 171 -6.99 -14.35 -24.94
C ARG A 171 -6.29 -13.02 -24.60
N ILE A 172 -4.99 -12.89 -24.81
CA ILE A 172 -4.34 -11.59 -24.66
C ILE A 172 -4.23 -11.03 -26.11
N PHE A 173 -5.09 -10.09 -26.41
CA PHE A 173 -5.14 -9.45 -27.72
C PHE A 173 -4.36 -8.13 -27.71
N LYS A 174 -3.45 -7.97 -28.65
CA LYS A 174 -2.71 -6.73 -28.87
C LYS A 174 -3.41 -6.08 -30.08
N PHE A 175 -3.77 -4.81 -29.97
CA PHE A 175 -4.46 -4.17 -31.10
C PHE A 175 -3.54 -3.74 -32.23
N ARG A 176 -4.03 -3.72 -33.48
CA ARG A 176 -3.29 -3.21 -34.62
C ARG A 176 -3.76 -1.78 -34.89
N GLY A 177 -2.85 -0.86 -35.13
CA GLY A 177 -3.17 0.54 -35.40
C GLY A 177 -1.89 1.33 -35.62
N GLU A 178 -1.98 2.67 -35.62
CA GLU A 178 -0.81 3.49 -35.85
C GLU A 178 0.14 3.43 -34.64
N GLY A 179 1.32 2.90 -34.91
CA GLY A 179 2.42 2.75 -33.99
C GLY A 179 2.03 1.97 -32.74
N LYS A 180 1.16 0.97 -32.89
CA LYS A 180 0.71 0.17 -31.76
C LYS A 180 1.76 -0.80 -31.23
N ALA A 181 2.10 -0.72 -29.94
CA ALA A 181 3.03 -1.65 -29.32
C ALA A 181 2.93 -1.59 -27.80
N TRP A 182 3.27 -2.65 -27.09
CA TRP A 182 3.27 -2.68 -25.65
C TRP A 182 4.23 -1.58 -25.17
N ASP A 183 3.79 -0.86 -24.13
CA ASP A 183 4.65 0.22 -23.60
C ASP A 183 5.94 -0.32 -23.00
N TRP A 184 6.92 0.56 -22.91
CA TRP A 184 8.23 0.27 -22.33
C TRP A 184 8.80 1.57 -21.79
N GLU A 185 9.43 1.56 -20.64
CA GLU A 185 9.74 0.37 -19.86
C GLU A 185 8.70 -0.04 -18.84
N VAL A 186 8.50 -1.35 -18.77
CA VAL A 186 7.64 -1.96 -17.74
C VAL A 186 8.39 -3.17 -17.20
N SER A 187 7.76 -3.98 -16.34
CA SER A 187 8.43 -5.19 -15.85
C SER A 187 8.78 -6.08 -17.04
N SER A 188 9.87 -6.82 -17.01
CA SER A 188 10.23 -7.70 -18.12
C SER A 188 9.77 -9.13 -17.80
N GLU A 189 8.97 -9.29 -16.73
CA GLU A 189 8.39 -10.62 -16.53
C GLU A 189 7.43 -10.91 -17.70
N ASN A 190 7.40 -12.18 -18.11
CA ASN A 190 6.56 -12.59 -19.24
C ASN A 190 6.98 -11.87 -20.53
N GLY A 191 8.23 -11.46 -20.57
CA GLY A 191 8.81 -10.76 -21.69
C GLY A 191 8.51 -9.27 -21.66
N ASN A 192 7.25 -8.89 -21.47
CA ASN A 192 6.81 -7.52 -21.31
C ASN A 192 5.46 -7.62 -20.57
N TYR A 193 5.34 -7.10 -19.36
CA TYR A 193 4.17 -7.17 -18.56
C TYR A 193 3.31 -5.90 -18.60
N ASP A 194 3.24 -5.18 -19.69
CA ASP A 194 2.36 -4.01 -19.85
C ASP A 194 0.93 -4.48 -19.62
N TYR A 195 0.56 -5.58 -20.29
CA TYR A 195 -0.79 -6.09 -20.23
C TYR A 195 -1.10 -6.82 -18.94
N LEU A 196 -2.21 -6.44 -18.27
CA LEU A 196 -2.64 -7.13 -17.06
C LEU A 196 -4.06 -7.69 -17.15
N MET A 197 -5.05 -6.82 -17.34
CA MET A 197 -6.44 -7.21 -17.39
C MET A 197 -7.26 -6.06 -17.96
N TYR A 198 -8.51 -6.29 -18.30
CA TYR A 198 -9.43 -5.32 -18.88
C TYR A 198 -8.83 -4.62 -20.09
N ALA A 199 -9.18 -3.37 -20.37
CA ALA A 199 -8.63 -2.64 -21.52
C ALA A 199 -7.39 -1.90 -21.05
N ASP A 200 -6.23 -2.21 -21.60
CA ASP A 200 -4.96 -1.65 -21.23
C ASP A 200 -4.66 -0.30 -21.90
N VAL A 201 -4.50 0.72 -21.06
CA VAL A 201 -4.26 2.07 -21.56
C VAL A 201 -2.93 2.14 -22.30
N ASP A 202 -2.91 2.84 -23.42
CA ASP A 202 -1.74 3.04 -24.23
C ASP A 202 -1.02 4.34 -23.84
N TYR A 203 0.04 4.23 -23.03
CA TYR A 203 0.72 5.43 -22.58
C TYR A 203 1.72 5.92 -23.63
N ASP A 204 1.63 5.41 -24.88
CA ASP A 204 2.39 5.98 -26.00
C ASP A 204 1.49 7.06 -26.65
N HIS A 205 0.17 7.10 -26.36
CA HIS A 205 -0.73 8.03 -27.07
C HIS A 205 -0.66 9.41 -26.43
N PRO A 206 -0.26 10.42 -27.17
CA PRO A 206 -0.06 11.77 -26.63
C PRO A 206 -1.29 12.35 -25.97
N ASP A 207 -2.48 12.08 -26.47
CA ASP A 207 -3.70 12.66 -25.91
C ASP A 207 -4.02 11.96 -24.58
N VAL A 208 -3.74 10.64 -24.56
CA VAL A 208 -3.95 9.88 -23.34
C VAL A 208 -3.05 10.43 -22.21
N VAL A 209 -1.79 10.72 -22.53
CA VAL A 209 -0.84 11.21 -21.54
C VAL A 209 -1.24 12.59 -21.00
N ALA A 210 -1.67 13.47 -21.91
CA ALA A 210 -2.09 14.81 -21.51
C ALA A 210 -3.36 14.78 -20.67
N GLU A 211 -4.32 13.95 -21.06
CA GLU A 211 -5.60 13.85 -20.34
C GLU A 211 -5.40 13.30 -18.93
N THR A 212 -4.58 12.28 -18.83
CA THR A 212 -4.29 11.63 -17.55
C THR A 212 -3.53 12.58 -16.62
N LYS A 213 -2.66 13.45 -17.14
CA LYS A 213 -2.01 14.47 -16.32
C LYS A 213 -3.07 15.47 -15.84
N LYS A 214 -3.96 15.87 -16.73
CA LYS A 214 -5.01 16.80 -16.34
C LYS A 214 -5.97 16.24 -15.28
N TRP A 215 -6.29 14.97 -15.50
CA TRP A 215 -7.16 14.31 -14.54
C TRP A 215 -6.49 14.29 -13.15
N GLY A 216 -5.17 14.00 -13.14
CA GLY A 216 -4.42 13.92 -11.89
C GLY A 216 -4.46 15.25 -11.12
N ILE A 217 -4.28 16.35 -11.85
CA ILE A 217 -4.32 17.68 -11.24
C ILE A 217 -5.72 17.94 -10.70
N TRP A 218 -6.75 17.56 -11.47
CA TRP A 218 -8.15 17.78 -11.05
C TRP A 218 -8.48 17.04 -9.77
N TYR A 219 -8.04 15.77 -9.75
CA TYR A 219 -8.34 14.88 -8.62
C TYR A 219 -7.72 15.41 -7.31
N ALA A 220 -6.43 15.70 -7.33
CA ALA A 220 -5.74 16.30 -6.20
C ALA A 220 -6.42 17.59 -5.69
N ASN A 221 -6.86 18.46 -6.58
CA ASN A 221 -7.50 19.71 -6.23
C ASN A 221 -8.96 19.50 -5.81
N GLU A 222 -9.67 18.61 -6.49
CA GLU A 222 -11.07 18.41 -6.11
C GLU A 222 -11.25 17.85 -4.70
N LEU A 223 -10.34 16.95 -4.29
CA LEU A 223 -10.45 16.43 -2.93
C LEU A 223 -9.42 16.98 -1.96
N SER A 224 -8.58 17.92 -2.34
CA SER A 224 -7.48 18.40 -1.50
C SER A 224 -6.64 17.24 -0.94
N LEU A 225 -6.18 16.38 -1.88
CA LEU A 225 -5.33 15.28 -1.44
C LEU A 225 -3.93 15.76 -1.08
N ASP A 226 -3.25 15.09 -0.17
CA ASP A 226 -1.89 15.32 0.24
C ASP A 226 -0.89 14.34 -0.38
N GLY A 227 -1.35 13.31 -1.07
CA GLY A 227 -0.45 12.35 -1.69
C GLY A 227 -1.16 11.24 -2.46
N PHE A 228 -0.37 10.26 -2.92
CA PHE A 228 -0.96 9.22 -3.75
C PHE A 228 -0.39 7.82 -3.50
N ARG A 229 -1.21 6.83 -3.80
CA ARG A 229 -0.76 5.43 -3.77
C ARG A 229 -0.96 4.98 -5.23
N ILE A 230 0.10 4.58 -5.92
CA ILE A 230 -0.02 4.17 -7.32
C ILE A 230 -0.23 2.67 -7.49
N ASP A 231 -1.40 2.28 -7.96
CA ASP A 231 -1.70 0.89 -8.21
C ASP A 231 -0.98 0.29 -9.43
N ALA A 232 -0.59 -0.96 -9.31
CA ALA A 232 -0.04 -1.73 -10.43
C ALA A 232 1.11 -1.09 -11.18
N ALA A 233 2.06 -0.49 -10.48
CA ALA A 233 3.15 0.25 -11.08
C ALA A 233 4.05 -0.51 -12.04
N LYS A 234 4.22 -1.81 -11.82
CA LYS A 234 5.10 -2.57 -12.72
C LYS A 234 4.46 -2.79 -14.09
N HIS A 235 3.19 -2.45 -14.27
CA HIS A 235 2.52 -2.62 -15.56
C HIS A 235 2.31 -1.31 -16.32
N ILE A 236 2.92 -0.23 -15.83
CA ILE A 236 2.75 1.08 -16.44
C ILE A 236 4.07 1.73 -16.84
N LYS A 237 4.21 2.26 -18.05
CA LYS A 237 5.46 2.90 -18.49
C LYS A 237 6.13 3.67 -17.35
N PHE A 238 7.35 3.30 -16.97
CA PHE A 238 7.95 3.97 -15.80
C PHE A 238 8.18 5.49 -15.94
N SER A 239 8.68 5.93 -17.07
CA SER A 239 8.95 7.33 -17.33
C SER A 239 7.66 8.15 -17.29
N PHE A 240 6.55 7.56 -17.70
CA PHE A 240 5.27 8.26 -17.62
C PHE A 240 4.91 8.44 -16.14
N LEU A 241 5.03 7.38 -15.34
CA LEU A 241 4.71 7.52 -13.91
C LEU A 241 5.59 8.57 -13.24
N ARG A 242 6.86 8.63 -13.60
CA ARG A 242 7.75 9.68 -13.12
C ARG A 242 7.21 11.07 -13.52
N ASP A 243 6.89 11.26 -14.81
CA ASP A 243 6.44 12.57 -15.26
C ASP A 243 5.09 12.97 -14.67
N TRP A 244 4.18 12.02 -14.49
CA TRP A 244 2.82 12.30 -14.02
C TRP A 244 2.85 12.87 -12.61
N VAL A 245 3.68 12.20 -11.78
CA VAL A 245 3.84 12.64 -10.40
C VAL A 245 4.40 14.08 -10.36
N GLN A 246 5.38 14.34 -11.20
CA GLN A 246 6.03 15.66 -11.29
C GLN A 246 5.05 16.73 -11.75
N ALA A 247 4.20 16.44 -12.73
CA ALA A 247 3.22 17.41 -13.22
C ALA A 247 2.23 17.80 -12.12
N VAL A 248 1.81 16.84 -11.30
CA VAL A 248 0.85 17.12 -10.25
C VAL A 248 1.54 17.98 -9.18
N ARG A 249 2.81 17.72 -8.91
CA ARG A 249 3.53 18.55 -7.93
C ARG A 249 3.77 19.96 -8.48
N GLN A 250 4.12 20.02 -9.77
CA GLN A 250 4.32 21.35 -10.38
C GLN A 250 3.05 22.19 -10.25
N ALA A 251 1.90 21.69 -10.65
CA ALA A 251 0.66 22.45 -10.62
C ALA A 251 0.12 22.73 -9.22
N THR A 252 0.28 21.87 -8.22
CA THR A 252 -0.31 22.17 -6.94
C THR A 252 0.63 22.90 -5.98
N GLY A 253 1.94 22.86 -6.21
CA GLY A 253 2.91 23.46 -5.32
C GLY A 253 3.02 22.60 -4.05
N LYS A 254 2.36 21.44 -4.00
CA LYS A 254 2.42 20.60 -2.78
C LYS A 254 3.44 19.49 -2.90
N GLU A 255 3.92 19.00 -1.77
CA GLU A 255 4.90 17.90 -1.75
C GLU A 255 4.35 16.65 -2.47
N MET A 256 3.09 16.31 -2.25
CA MET A 256 2.44 15.16 -2.83
C MET A 256 3.22 13.86 -2.63
N PHE A 257 3.38 13.45 -1.37
CA PHE A 257 4.07 12.19 -1.08
C PHE A 257 3.45 11.09 -1.95
N THR A 258 4.24 10.23 -2.54
CA THR A 258 3.72 9.15 -3.38
C THR A 258 4.44 7.83 -3.12
N VAL A 259 3.63 6.76 -3.01
CA VAL A 259 4.19 5.44 -2.83
C VAL A 259 3.59 4.57 -3.94
N ALA A 260 4.44 3.80 -4.59
CA ALA A 260 4.03 2.92 -5.67
C ALA A 260 4.05 1.45 -5.28
N GLU A 261 3.02 0.77 -5.75
CA GLU A 261 2.85 -0.66 -5.60
C GLU A 261 3.62 -1.34 -6.76
N TYR A 262 4.85 -1.77 -6.49
CA TYR A 262 5.68 -2.49 -7.45
C TYR A 262 5.77 -3.92 -6.85
N TRP A 263 4.83 -4.78 -7.27
CA TRP A 263 4.73 -6.09 -6.67
C TRP A 263 5.70 -7.12 -7.23
N GLN A 264 6.84 -7.28 -6.59
CA GLN A 264 7.84 -8.27 -6.94
C GLN A 264 8.76 -8.48 -5.73
N ASN A 265 9.03 -9.75 -5.43
CA ASN A 265 9.84 -10.10 -4.28
C ASN A 265 11.32 -10.15 -4.69
N ASN A 266 11.81 -8.97 -5.05
CA ASN A 266 13.20 -8.88 -5.56
C ASN A 266 13.65 -7.43 -5.46
N ALA A 267 14.57 -7.20 -4.52
CA ALA A 267 15.12 -5.88 -4.25
C ALA A 267 15.79 -5.24 -5.47
N GLY A 268 16.50 -5.99 -6.28
CA GLY A 268 17.16 -5.43 -7.47
C GLY A 268 16.13 -4.78 -8.40
N LYS A 269 15.01 -5.44 -8.61
CA LYS A 269 13.99 -4.92 -9.51
C LYS A 269 13.32 -3.70 -8.92
N LEU A 270 13.17 -3.69 -7.59
CA LEU A 270 12.58 -2.51 -6.95
C LEU A 270 13.58 -1.36 -7.08
N GLU A 271 14.85 -1.71 -6.98
CA GLU A 271 15.86 -0.62 -7.11
C GLU A 271 15.85 -0.08 -8.53
N ASN A 272 15.63 -0.93 -9.53
CA ASN A 272 15.57 -0.48 -10.92
C ASN A 272 14.41 0.52 -11.06
N TYR A 273 13.30 0.24 -10.39
CA TYR A 273 12.16 1.19 -10.49
C TYR A 273 12.49 2.54 -9.87
N LEU A 274 13.13 2.55 -8.70
CA LEU A 274 13.52 3.81 -8.05
C LEU A 274 14.45 4.63 -8.97
N ASN A 275 15.46 3.99 -9.57
CA ASN A 275 16.35 4.71 -10.48
C ASN A 275 15.59 5.25 -11.70
N LYS A 276 14.72 4.45 -12.30
CA LYS A 276 13.99 4.89 -13.50
C LYS A 276 12.97 5.96 -13.16
N THR A 277 12.65 6.13 -11.88
CA THR A 277 11.72 7.22 -11.55
C THR A 277 12.50 8.34 -10.88
N SER A 278 13.83 8.37 -11.06
CA SER A 278 14.61 9.45 -10.43
C SER A 278 14.37 9.54 -8.93
N PHE A 279 14.10 8.45 -8.23
CA PHE A 279 13.88 8.53 -6.79
C PHE A 279 12.82 9.56 -6.41
N ASN A 280 11.81 9.81 -7.24
CA ASN A 280 10.82 10.82 -6.88
C ASN A 280 9.64 10.22 -6.11
N GLN A 281 9.68 8.93 -5.80
CA GLN A 281 8.61 8.26 -5.06
C GLN A 281 9.13 7.04 -4.31
N SER A 282 8.37 6.64 -3.28
CA SER A 282 8.80 5.43 -2.54
C SER A 282 8.17 4.18 -3.12
N VAL A 283 8.52 3.00 -2.59
CA VAL A 283 7.88 1.75 -2.95
C VAL A 283 7.50 0.98 -1.68
N PHE A 284 6.50 0.09 -1.78
CA PHE A 284 6.20 -0.79 -0.66
C PHE A 284 7.29 -1.86 -0.56
N ASP A 285 7.67 -2.18 0.68
CA ASP A 285 8.79 -3.15 0.82
C ASP A 285 8.24 -4.56 0.76
N VAL A 286 8.02 -5.02 -0.46
CA VAL A 286 7.51 -6.39 -0.66
C VAL A 286 8.38 -7.47 -0.05
N PRO A 287 9.68 -7.47 -0.30
CA PRO A 287 10.58 -8.47 0.24
C PRO A 287 10.45 -8.57 1.76
N LEU A 288 10.40 -7.46 2.48
CA LEU A 288 10.26 -7.47 3.94
C LEU A 288 8.95 -8.18 4.31
N HIS A 289 7.87 -7.98 3.58
CA HIS A 289 6.62 -8.69 3.86
C HIS A 289 6.87 -10.20 3.82
N PHE A 290 7.55 -10.67 2.79
CA PHE A 290 7.82 -12.10 2.64
C PHE A 290 8.78 -12.65 3.71
N ASN A 291 9.76 -11.88 4.13
CA ASN A 291 10.62 -12.30 5.24
C ASN A 291 9.79 -12.44 6.53
N LEU A 292 8.92 -11.48 6.81
CA LEU A 292 8.11 -11.56 8.02
C LEU A 292 7.18 -12.77 8.00
N GLN A 293 6.59 -13.03 6.84
CA GLN A 293 5.67 -14.13 6.68
C GLN A 293 6.42 -15.47 6.84
N ALA A 294 7.61 -15.52 6.25
CA ALA A 294 8.40 -16.74 6.31
C ALA A 294 8.69 -17.07 7.78
N ALA A 295 9.06 -16.04 8.53
CA ALA A 295 9.38 -16.19 9.94
C ALA A 295 8.16 -16.67 10.74
N SER A 296 6.99 -16.11 10.43
CA SER A 296 5.80 -16.48 11.14
C SER A 296 5.39 -17.93 10.84
N SER A 297 5.90 -18.51 9.75
CA SER A 297 5.38 -19.82 9.38
C SER A 297 6.36 -20.97 9.58
N GLN A 298 7.55 -20.74 10.08
CA GLN A 298 8.50 -21.82 10.24
C GLN A 298 8.58 -22.37 11.64
N GLY A 299 7.60 -22.10 12.50
CA GLY A 299 7.49 -22.58 13.85
C GLY A 299 8.71 -22.49 14.76
N GLY A 300 9.52 -21.46 14.60
CA GLY A 300 10.75 -21.20 15.30
C GLY A 300 12.01 -21.49 14.51
N GLY A 301 11.93 -22.21 13.39
CA GLY A 301 13.14 -22.57 12.65
C GLY A 301 13.74 -21.46 11.79
N TYR A 302 13.09 -20.30 11.69
CA TYR A 302 13.65 -19.23 10.85
C TYR A 302 14.86 -18.66 11.59
N ASP A 303 15.87 -18.23 10.83
CA ASP A 303 17.04 -17.61 11.47
C ASP A 303 16.73 -16.12 11.53
N MET A 304 16.26 -15.68 12.69
CA MET A 304 15.86 -14.29 12.90
C MET A 304 16.97 -13.28 12.61
N ARG A 305 18.22 -13.73 12.45
CA ARG A 305 19.28 -12.79 12.15
C ARG A 305 19.20 -12.28 10.70
N LYS A 306 18.38 -12.97 9.91
CA LYS A 306 18.29 -12.69 8.50
C LYS A 306 17.07 -11.88 8.06
N LEU A 307 16.33 -11.30 9.01
CA LEU A 307 15.09 -10.61 8.67
C LEU A 307 15.31 -9.47 7.69
N LEU A 308 16.43 -8.78 7.75
CA LEU A 308 16.71 -7.67 6.87
C LEU A 308 17.29 -8.04 5.52
N ASN A 309 17.76 -9.26 5.34
CA ASN A 309 18.35 -9.69 4.08
C ASN A 309 17.45 -9.46 2.86
N GLY A 310 17.97 -8.85 1.81
CA GLY A 310 17.27 -8.60 0.56
C GLY A 310 16.10 -7.65 0.66
N THR A 311 15.95 -6.84 1.71
CA THR A 311 14.83 -5.91 1.80
C THR A 311 15.19 -4.53 1.24
N VAL A 312 14.21 -3.79 0.78
CA VAL A 312 14.42 -2.43 0.28
C VAL A 312 14.83 -1.52 1.44
N VAL A 313 14.24 -1.73 2.60
CA VAL A 313 14.53 -0.90 3.76
C VAL A 313 15.97 -0.93 4.25
N SER A 314 16.72 -1.99 4.02
CA SER A 314 18.13 -2.06 4.40
C SER A 314 18.93 -1.28 3.36
N LYS A 315 18.48 -1.11 2.12
CA LYS A 315 19.27 -0.39 1.13
C LYS A 315 18.81 1.05 0.91
N HIS A 316 17.49 1.28 0.86
CA HIS A 316 16.99 2.64 0.61
C HIS A 316 15.94 2.98 1.65
N PRO A 317 16.36 3.12 2.88
CA PRO A 317 15.45 3.36 3.98
C PRO A 317 14.48 4.49 3.81
N LEU A 318 14.86 5.59 3.20
CA LEU A 318 14.01 6.75 3.02
C LEU A 318 12.96 6.56 1.93
N LYS A 319 13.10 5.51 1.12
CA LYS A 319 12.12 5.34 0.03
C LYS A 319 11.27 4.09 0.22
N SER A 320 11.26 3.54 1.44
CA SER A 320 10.50 2.32 1.66
C SER A 320 9.27 2.57 2.51
N VAL A 321 8.16 1.94 2.14
CA VAL A 321 6.97 2.02 2.96
C VAL A 321 6.82 0.58 3.50
N THR A 322 6.98 0.40 4.81
CA THR A 322 6.98 -0.98 5.34
C THR A 322 5.58 -1.40 5.72
N PHE A 323 5.25 -2.69 5.63
CA PHE A 323 3.94 -3.20 5.91
C PHE A 323 3.93 -4.66 6.34
N VAL A 324 2.91 -5.05 7.12
CA VAL A 324 2.78 -6.43 7.56
C VAL A 324 1.84 -7.19 6.63
N ASP A 325 0.63 -6.70 6.38
CA ASP A 325 -0.32 -7.32 5.48
C ASP A 325 -1.17 -6.21 4.83
N ASN A 326 -1.87 -6.51 3.74
CA ASN A 326 -2.75 -5.57 3.07
C ASN A 326 -3.93 -6.30 2.45
N HIS A 327 -4.77 -5.62 1.66
CA HIS A 327 -5.96 -6.20 1.03
C HIS A 327 -5.64 -7.31 0.04
N ASP A 328 -4.44 -7.38 -0.52
CA ASP A 328 -4.08 -8.48 -1.43
C ASP A 328 -3.51 -9.70 -0.72
N THR A 329 -2.88 -9.51 0.45
CA THR A 329 -2.22 -10.64 1.10
C THR A 329 -3.13 -11.28 2.16
N GLN A 330 -4.27 -10.66 2.39
CA GLN A 330 -5.21 -11.20 3.41
C GLN A 330 -5.81 -12.51 2.87
N PRO A 331 -6.33 -13.33 3.76
CA PRO A 331 -6.89 -14.62 3.45
C PRO A 331 -7.92 -14.60 2.32
N GLY A 332 -7.75 -15.56 1.42
CA GLY A 332 -8.65 -15.72 0.29
C GLY A 332 -8.30 -14.84 -0.90
N GLN A 333 -7.37 -13.90 -0.76
CA GLN A 333 -7.10 -12.97 -1.86
C GLN A 333 -6.07 -13.47 -2.84
N SER A 334 -5.85 -12.69 -3.91
CA SER A 334 -5.01 -13.17 -5.00
C SER A 334 -3.56 -13.42 -4.64
N LEU A 335 -3.02 -12.59 -3.75
CA LEU A 335 -1.64 -12.67 -3.32
C LEU A 335 -1.49 -13.12 -1.88
N GLU A 336 -2.44 -13.92 -1.43
CA GLU A 336 -2.51 -14.44 -0.08
C GLU A 336 -1.17 -14.92 0.46
N SER A 337 -0.71 -14.36 1.57
CA SER A 337 0.57 -14.75 2.17
C SER A 337 0.55 -14.02 3.52
N THR A 338 -0.46 -14.39 4.29
CA THR A 338 -0.74 -13.76 5.58
C THR A 338 0.31 -14.05 6.65
N VAL A 339 0.65 -13.04 7.43
CA VAL A 339 1.58 -13.21 8.56
C VAL A 339 0.76 -13.88 9.67
N GLN A 340 1.20 -15.06 10.16
CA GLN A 340 0.41 -15.78 11.14
C GLN A 340 0.16 -14.88 12.35
N THR A 341 -1.04 -15.08 12.93
CA THR A 341 -1.51 -14.26 14.02
C THR A 341 -0.59 -14.16 15.22
N TRP A 342 -0.02 -15.26 15.71
CA TRP A 342 0.92 -15.23 16.83
C TRP A 342 2.10 -14.33 16.56
N PHE A 343 2.59 -14.22 15.32
CA PHE A 343 3.74 -13.36 15.03
C PHE A 343 3.37 -11.93 14.69
N LYS A 344 2.08 -11.68 14.40
CA LYS A 344 1.69 -10.31 13.98
C LYS A 344 2.11 -9.20 14.89
N PRO A 345 1.99 -9.26 16.21
CA PRO A 345 2.45 -8.19 17.10
C PRO A 345 3.96 -8.01 17.08
N LEU A 346 4.73 -9.07 16.83
CA LEU A 346 6.16 -9.01 16.68
C LEU A 346 6.50 -8.27 15.36
N ALA A 347 5.74 -8.54 14.29
CA ALA A 347 5.99 -7.85 13.02
C ALA A 347 5.64 -6.36 13.14
N TYR A 348 4.61 -6.01 13.89
CA TYR A 348 4.26 -4.59 14.06
C TYR A 348 5.32 -3.90 14.92
N ALA A 349 5.87 -4.62 15.93
CA ALA A 349 6.95 -4.01 16.71
C ALA A 349 8.12 -3.70 15.77
N PHE A 350 8.46 -4.63 14.89
CA PHE A 350 9.60 -4.47 13.98
C PHE A 350 9.44 -3.28 13.03
N ILE A 351 8.26 -3.06 12.45
CA ILE A 351 8.13 -1.91 11.59
C ILE A 351 7.81 -0.62 12.32
N LEU A 352 7.15 -0.55 13.44
CA LEU A 352 6.79 0.69 14.10
C LEU A 352 7.86 1.28 15.04
N THR A 353 8.76 0.47 15.60
CA THR A 353 9.73 1.00 16.56
C THR A 353 11.17 1.13 16.06
N ARG A 354 11.44 0.74 14.81
CA ARG A 354 12.77 0.87 14.21
C ARG A 354 12.89 2.21 13.49
N GLU A 355 14.07 2.80 13.38
CA GLU A 355 14.19 4.11 12.79
C GLU A 355 13.98 4.18 11.28
N SER A 356 14.12 3.10 10.51
CA SER A 356 13.96 3.35 9.08
C SER A 356 12.67 2.79 8.50
N GLY A 357 12.28 3.43 7.40
CA GLY A 357 11.05 3.09 6.75
C GLY A 357 9.88 3.94 7.24
N TYR A 358 8.87 3.96 6.39
CA TYR A 358 7.60 4.66 6.67
C TYR A 358 6.57 3.53 6.80
N PRO A 359 6.18 3.20 8.02
CA PRO A 359 5.32 2.09 8.36
C PRO A 359 3.82 2.29 8.14
N GLN A 360 3.16 1.23 7.67
CA GLN A 360 1.73 1.25 7.35
C GLN A 360 1.04 0.27 8.28
N VAL A 361 -0.08 0.68 8.83
CA VAL A 361 -0.90 -0.21 9.66
C VAL A 361 -2.08 -0.65 8.81
N PHE A 362 -2.40 -1.93 8.78
CA PHE A 362 -3.51 -2.43 7.98
C PHE A 362 -4.84 -2.44 8.74
N TYR A 363 -5.88 -1.84 8.17
CA TYR A 363 -7.23 -1.79 8.72
C TYR A 363 -7.73 -3.19 9.12
N GLY A 364 -7.47 -4.13 8.24
CA GLY A 364 -7.83 -5.52 8.43
C GLY A 364 -7.19 -6.08 9.72
N ASP A 365 -5.97 -5.69 10.03
CA ASP A 365 -5.31 -6.16 11.25
C ASP A 365 -5.85 -5.50 12.52
N MET A 366 -6.23 -4.22 12.45
CA MET A 366 -6.77 -3.53 13.61
C MET A 366 -8.18 -4.00 13.97
N TYR A 367 -9.01 -4.02 12.93
CA TYR A 367 -10.39 -4.39 13.12
C TYR A 367 -10.77 -5.79 12.70
N GLY A 368 -10.02 -6.66 12.08
CA GLY A 368 -10.61 -7.94 11.69
C GLY A 368 -11.08 -7.85 10.22
N THR A 369 -10.96 -8.94 9.49
CA THR A 369 -11.39 -9.05 8.11
C THR A 369 -12.76 -9.77 8.13
N LYS A 370 -13.63 -9.46 7.19
CA LYS A 370 -14.96 -10.02 7.15
C LYS A 370 -15.18 -10.90 5.94
N GLY A 371 -14.18 -11.62 5.49
CA GLY A 371 -14.25 -12.58 4.40
C GLY A 371 -14.94 -13.83 4.92
N ASP A 372 -15.12 -14.80 4.03
CA ASP A 372 -15.87 -15.99 4.35
C ASP A 372 -15.07 -17.23 4.68
N SER A 373 -13.76 -17.12 4.86
CA SER A 373 -13.01 -18.33 5.23
C SER A 373 -13.06 -18.61 6.72
N GLN A 374 -12.43 -19.71 7.10
CA GLN A 374 -12.36 -20.10 8.50
C GLN A 374 -11.05 -19.60 9.10
N ARG A 375 -10.28 -18.81 8.34
CA ARG A 375 -9.01 -18.30 8.84
C ARG A 375 -8.89 -16.79 8.71
N GLU A 376 -9.99 -16.08 8.94
CA GLU A 376 -10.02 -14.62 8.90
C GLU A 376 -9.10 -13.98 9.92
N ILE A 377 -8.56 -12.81 9.63
CA ILE A 377 -7.72 -12.14 10.62
C ILE A 377 -8.63 -11.61 11.73
N PRO A 378 -8.33 -11.89 12.99
CA PRO A 378 -9.08 -11.40 14.12
C PRO A 378 -8.72 -9.94 14.42
N ALA A 379 -9.57 -9.23 15.12
CA ALA A 379 -9.32 -7.83 15.49
C ALA A 379 -8.10 -7.76 16.43
N LEU A 380 -6.98 -7.16 16.08
CA LEU A 380 -5.80 -7.13 16.93
C LEU A 380 -5.52 -5.74 17.48
N LYS A 381 -6.48 -4.82 17.32
CA LYS A 381 -6.25 -3.47 17.81
C LYS A 381 -5.81 -3.39 19.26
N HIS A 382 -6.24 -4.28 20.16
CA HIS A 382 -5.80 -4.13 21.56
C HIS A 382 -4.34 -4.49 21.73
N LYS A 383 -3.72 -5.23 20.81
CA LYS A 383 -2.32 -5.55 20.82
C LYS A 383 -1.45 -4.58 20.01
N ILE A 384 -2.06 -3.89 19.05
CA ILE A 384 -1.29 -2.98 18.22
C ILE A 384 -1.17 -1.60 18.82
N GLU A 385 -2.25 -1.10 19.41
CA GLU A 385 -2.30 0.21 20.01
C GLU A 385 -1.15 0.52 20.96
N PRO A 386 -0.74 -0.40 21.81
CA PRO A 386 0.39 -0.20 22.71
C PRO A 386 1.68 -0.02 21.93
N ILE A 387 1.80 -0.68 20.78
CA ILE A 387 3.01 -0.52 19.97
C ILE A 387 3.01 0.81 19.24
N LEU A 388 1.81 1.24 18.83
CA LEU A 388 1.64 2.55 18.19
C LEU A 388 1.94 3.67 19.21
N LYS A 389 1.52 3.43 20.46
CA LYS A 389 1.89 4.40 21.51
C LYS A 389 3.40 4.38 21.73
N ALA A 390 4.04 3.21 21.58
CA ALA A 390 5.49 3.19 21.69
C ALA A 390 6.12 4.01 20.55
N ARG A 391 5.58 3.91 19.32
CA ARG A 391 6.11 4.67 18.21
C ARG A 391 5.87 6.17 18.43
N LYS A 392 4.65 6.53 18.78
CA LYS A 392 4.31 7.95 18.93
C LYS A 392 5.10 8.69 20.00
N GLN A 393 5.33 8.08 21.15
CA GLN A 393 5.97 8.67 22.30
C GLN A 393 7.34 8.15 22.70
N TYR A 394 7.85 7.03 22.25
CA TYR A 394 9.18 6.65 22.76
C TYR A 394 10.24 6.34 21.73
N ALA A 395 9.83 6.08 20.48
CA ALA A 395 10.82 5.62 19.50
C ALA A 395 11.60 6.77 18.87
N TYR A 396 12.52 7.37 19.61
CA TYR A 396 13.30 8.49 19.13
C TYR A 396 14.77 8.29 19.47
N GLY A 397 15.67 8.93 18.75
CA GLY A 397 17.09 8.83 19.08
C GLY A 397 17.83 7.67 18.44
N ALA A 398 19.13 7.62 18.72
CA ALA A 398 20.04 6.64 18.19
C ALA A 398 19.54 5.22 18.39
N GLN A 399 19.77 4.36 17.39
CA GLN A 399 19.32 2.96 17.49
C GLN A 399 20.46 1.99 17.54
N HIS A 400 20.35 0.94 18.36
CA HIS A 400 21.37 -0.08 18.42
C HIS A 400 20.73 -1.44 18.12
N ASP A 401 21.32 -2.21 17.20
CA ASP A 401 20.76 -3.48 16.80
C ASP A 401 21.44 -4.70 17.42
N TYR A 402 20.70 -5.72 17.72
CA TYR A 402 21.20 -6.96 18.30
C TYR A 402 20.58 -8.13 17.54
N PHE A 403 21.02 -8.36 16.33
CA PHE A 403 20.68 -9.44 15.44
C PHE A 403 21.77 -10.50 15.60
N ASP A 404 21.81 -11.02 16.84
CA ASP A 404 22.89 -11.96 17.17
C ASP A 404 22.47 -13.33 17.63
N HIS A 405 21.23 -13.76 17.41
CA HIS A 405 20.79 -15.09 17.85
C HIS A 405 19.73 -15.63 16.89
N HIS A 406 19.60 -16.92 16.61
CA HIS A 406 18.65 -17.38 15.60
C HIS A 406 17.21 -17.24 16.01
N ASP A 407 16.94 -16.92 17.28
CA ASP A 407 15.57 -16.75 17.72
C ASP A 407 15.30 -15.37 18.34
N ILE A 408 16.10 -14.99 19.33
CA ILE A 408 15.90 -13.75 20.07
C ILE A 408 16.72 -12.61 19.50
N VAL A 409 16.02 -11.62 18.97
CA VAL A 409 16.72 -10.47 18.40
C VAL A 409 16.07 -9.23 19.01
N GLY A 410 16.85 -8.15 19.07
CA GLY A 410 16.33 -6.93 19.64
C GLY A 410 17.02 -5.69 19.10
N TRP A 411 16.54 -4.55 19.60
CA TRP A 411 17.06 -3.24 19.22
C TRP A 411 16.68 -2.27 20.33
N THR A 412 17.42 -1.16 20.39
CA THR A 412 17.12 -0.13 21.36
C THR A 412 17.10 1.24 20.69
N ARG A 413 16.42 2.16 21.36
CA ARG A 413 16.36 3.54 20.91
C ARG A 413 16.78 4.39 22.12
N GLU A 414 17.86 5.14 21.98
CA GLU A 414 18.32 5.93 23.13
C GLU A 414 17.38 7.01 23.65
N GLY A 415 16.41 7.45 22.85
CA GLY A 415 15.58 8.57 23.26
C GLY A 415 16.22 9.85 22.72
N ASP A 416 15.46 10.93 22.74
CA ASP A 416 15.88 12.26 22.29
C ASP A 416 15.52 13.25 23.41
N SER A 417 16.40 14.18 23.71
CA SER A 417 16.20 15.13 24.79
C SER A 417 14.99 16.02 24.56
N SER A 418 14.58 16.24 23.32
CA SER A 418 13.39 17.04 23.07
C SER A 418 12.10 16.23 23.16
N VAL A 419 12.13 14.95 23.49
CA VAL A 419 10.88 14.19 23.67
C VAL A 419 11.03 13.55 25.06
N ALA A 420 10.43 14.21 26.04
CA ALA A 420 10.58 13.80 27.44
C ALA A 420 10.26 12.31 27.62
N ASN A 421 11.11 11.61 28.34
CA ASN A 421 11.02 10.21 28.65
C ASN A 421 11.03 9.27 27.43
N SER A 422 11.59 9.73 26.32
CA SER A 422 11.62 8.86 25.14
C SER A 422 12.72 7.82 25.33
N GLY A 423 12.68 6.78 24.51
CA GLY A 423 13.73 5.73 24.58
C GLY A 423 12.99 4.41 24.78
N LEU A 424 13.55 3.30 24.34
CA LEU A 424 12.90 2.01 24.45
C LEU A 424 13.87 0.86 24.17
N ALA A 425 13.47 -0.33 24.55
CA ALA A 425 14.24 -1.55 24.31
C ALA A 425 13.21 -2.61 23.89
N ALA A 426 13.35 -3.13 22.68
CA ALA A 426 12.45 -4.10 22.10
C ALA A 426 13.15 -5.45 21.94
N LEU A 427 12.41 -6.52 22.18
CA LEU A 427 12.90 -7.86 21.99
C LEU A 427 11.76 -8.68 21.33
N ILE A 428 12.12 -9.47 20.35
CA ILE A 428 11.17 -10.40 19.75
C ILE A 428 11.84 -11.76 19.63
N THR A 429 11.07 -12.84 19.60
CA THR A 429 11.61 -14.19 19.42
C THR A 429 10.62 -15.07 18.65
N ASP A 430 11.11 -15.81 17.66
CA ASP A 430 10.24 -16.75 16.96
C ASP A 430 10.22 -18.09 17.72
N GLY A 431 10.89 -18.21 18.86
CA GLY A 431 10.93 -19.47 19.60
C GLY A 431 10.92 -19.25 21.11
N PRO A 432 11.59 -20.08 21.89
CA PRO A 432 11.63 -19.95 23.34
C PRO A 432 12.03 -18.55 23.77
N GLY A 433 11.59 -18.11 24.95
CA GLY A 433 11.90 -16.84 25.49
C GLY A 433 13.33 -16.79 26.07
N GLY A 434 13.67 -15.64 26.65
CA GLY A 434 15.03 -15.53 27.20
C GLY A 434 15.40 -14.09 27.47
N ALA A 435 16.72 -13.91 27.53
CA ALA A 435 17.26 -12.60 27.84
C ALA A 435 18.35 -12.10 26.91
N LYS A 436 18.55 -10.77 27.00
CA LYS A 436 19.56 -10.08 26.24
C LYS A 436 19.92 -8.77 26.93
N ARG A 437 21.22 -8.58 27.05
CA ARG A 437 21.80 -7.35 27.59
C ARG A 437 21.91 -6.36 26.44
N MET A 438 21.40 -5.17 26.58
CA MET A 438 21.46 -4.23 25.45
C MET A 438 21.70 -2.83 26.00
N TYR A 439 22.29 -2.01 25.16
CA TYR A 439 22.62 -0.63 25.57
C TYR A 439 21.55 0.37 25.16
N VAL A 440 21.10 1.20 26.08
CA VAL A 440 20.06 2.19 25.85
C VAL A 440 20.54 3.62 26.08
N GLY A 441 21.81 3.80 26.40
CA GLY A 441 22.32 5.14 26.60
C GLY A 441 22.58 5.45 28.07
N ARG A 442 23.77 5.98 28.29
CA ARG A 442 24.24 6.35 29.64
C ARG A 442 23.37 7.42 30.27
N GLN A 443 22.68 8.20 29.46
CA GLN A 443 21.78 9.25 29.93
C GLN A 443 20.51 8.65 30.53
N ASN A 444 20.25 7.36 30.32
CA ASN A 444 19.09 6.74 30.98
C ASN A 444 19.50 5.88 32.16
N ALA A 445 20.74 5.99 32.65
CA ALA A 445 21.17 5.20 33.80
C ALA A 445 20.31 5.31 35.04
N GLY A 446 20.05 4.22 35.79
CA GLY A 446 19.26 4.39 37.01
C GLY A 446 17.76 4.36 36.81
N GLU A 447 17.21 4.47 35.60
CA GLU A 447 15.77 4.49 35.41
C GLU A 447 15.08 3.12 35.50
N THR A 448 13.81 3.20 35.91
CA THR A 448 12.99 2.01 36.03
C THR A 448 12.18 1.91 34.71
N TRP A 449 12.42 0.87 33.91
CA TRP A 449 11.71 0.71 32.65
C TRP A 449 10.73 -0.46 32.68
N HIS A 450 9.59 -0.43 32.00
CA HIS A 450 8.63 -1.54 32.08
C HIS A 450 8.08 -1.98 30.71
N ASP A 451 7.57 -3.19 30.52
CA ASP A 451 7.04 -3.60 29.21
C ASP A 451 5.69 -2.97 28.89
N ILE A 452 5.64 -1.98 28.02
CA ILE A 452 4.36 -1.30 27.73
C ILE A 452 3.36 -2.27 27.10
N THR A 453 3.76 -3.44 26.58
CA THR A 453 2.76 -4.33 26.00
C THR A 453 2.02 -5.10 27.12
N GLY A 454 2.58 -5.03 28.35
CA GLY A 454 2.00 -5.85 29.41
C GLY A 454 2.31 -7.34 29.29
N ASN A 455 3.11 -7.85 28.36
CA ASN A 455 3.38 -9.29 28.28
C ASN A 455 4.23 -9.75 29.48
N ARG A 456 5.07 -8.85 29.99
CA ARG A 456 5.87 -9.09 31.18
C ARG A 456 5.60 -8.06 32.26
N SER A 457 5.42 -8.56 33.49
CA SER A 457 5.10 -7.69 34.61
C SER A 457 6.33 -7.25 35.41
N GLU A 458 7.49 -7.80 35.17
CA GLU A 458 8.65 -7.40 35.95
C GLU A 458 9.45 -6.26 35.34
N PRO A 459 9.58 -5.16 36.05
CA PRO A 459 10.34 -4.02 35.57
C PRO A 459 11.83 -4.30 35.49
N VAL A 460 12.57 -3.50 34.73
CA VAL A 460 14.03 -3.67 34.58
C VAL A 460 14.70 -2.36 34.97
N VAL A 461 15.84 -2.44 35.63
CA VAL A 461 16.51 -1.19 36.05
C VAL A 461 17.74 -0.97 35.20
N ILE A 462 17.87 0.19 34.58
CA ILE A 462 19.04 0.52 33.79
C ILE A 462 20.24 0.74 34.71
N ASN A 463 21.35 0.04 34.44
CA ASN A 463 22.53 0.14 35.29
C ASN A 463 23.27 1.45 35.06
N SER A 464 24.28 1.65 35.92
CA SER A 464 25.02 2.91 35.87
C SER A 464 25.75 3.13 34.56
N GLU A 465 25.94 2.12 33.73
CA GLU A 465 26.57 2.31 32.44
C GLU A 465 25.64 2.56 31.25
N GLY A 466 24.34 2.43 31.50
CA GLY A 466 23.35 2.57 30.46
C GLY A 466 23.01 1.22 29.82
N TRP A 467 23.27 0.10 30.49
CA TRP A 467 22.91 -1.21 29.98
C TRP A 467 21.82 -1.80 30.91
N GLY A 468 20.96 -2.58 30.32
CA GLY A 468 19.89 -3.25 31.04
C GLY A 468 19.83 -4.70 30.56
N GLU A 469 19.29 -5.58 31.39
CA GLU A 469 19.14 -6.99 30.99
C GLU A 469 17.66 -7.18 30.71
N PHE A 470 17.25 -7.36 29.46
CA PHE A 470 15.81 -7.46 29.16
C PHE A 470 15.35 -8.89 28.94
N HIS A 471 14.08 -9.16 29.19
CA HIS A 471 13.51 -10.50 29.08
C HIS A 471 12.36 -10.52 28.08
N VAL A 472 12.04 -11.67 27.55
CA VAL A 472 10.92 -11.76 26.60
C VAL A 472 10.36 -13.17 26.73
N ASN A 473 9.05 -13.34 26.76
CA ASN A 473 8.45 -14.68 26.80
C ASN A 473 8.57 -15.41 25.46
N GLY A 474 8.25 -16.71 25.40
CA GLY A 474 8.29 -17.53 24.20
C GLY A 474 7.28 -17.02 23.16
N GLY A 475 7.66 -16.94 21.91
CA GLY A 475 6.85 -16.53 20.77
C GLY A 475 6.18 -15.19 21.02
N SER A 476 6.94 -14.27 21.63
CA SER A 476 6.34 -13.00 22.05
C SER A 476 7.20 -11.78 21.78
N VAL A 477 6.67 -10.63 22.18
CA VAL A 477 7.32 -9.33 22.05
C VAL A 477 7.30 -8.61 23.40
N SER A 478 8.34 -7.89 23.77
CA SER A 478 8.38 -7.02 24.93
C SER A 478 9.00 -5.69 24.50
N ILE A 479 8.41 -4.58 24.92
CA ILE A 479 8.90 -3.25 24.60
C ILE A 479 9.00 -2.41 25.86
N TYR A 480 10.22 -2.25 26.34
CA TYR A 480 10.43 -1.52 27.57
C TYR A 480 10.67 -0.03 27.34
N VAL A 481 10.02 0.74 28.20
CA VAL A 481 10.05 2.17 28.24
C VAL A 481 9.99 2.64 29.68
N GLN A 482 10.36 3.90 29.86
CA GLN A 482 10.30 4.53 31.17
C GLN A 482 8.96 4.32 31.88
N ARG A 483 9.09 3.85 33.13
CA ARG A 483 7.94 3.63 33.98
C ARG A 483 7.31 4.98 34.33
C1 GLC B . 10.32 8.41 5.62
C2 GLC B . 9.86 9.00 4.26
C3 GLC B . 9.13 10.32 4.39
C4 GLC B . 7.89 10.22 5.33
C5 GLC B . 8.47 9.68 6.67
C6 GLC B . 7.36 9.42 7.68
O1 GLC B . 11.41 9.09 6.22
O1 GLC B . 10.75 7.10 5.46
O2 GLC B . 11.01 9.19 3.46
O3 GLC B . 8.73 10.92 3.18
O4 GLC B . 7.21 11.44 5.58
O5 GLC B . 9.23 8.48 6.52
O6 GLC B . 7.88 9.27 8.98
C1 GLC B . 5.98 11.74 4.94
C2 GLC B . 6.03 13.12 4.28
C3 GLC B . 5.90 14.23 5.30
C4 GLC B . 4.60 14.07 6.15
C5 GLC B . 4.64 12.66 6.77
C6 GLC B . 3.28 12.25 7.39
O2 GLC B . 7.27 13.32 3.63
O3 GLC B . 5.99 15.51 4.72
O4 GLC B . 4.58 14.99 7.22
O5 GLC B . 4.90 11.67 5.81
O6 GLC B . 3.29 10.91 7.84
C1 GLC B . 3.59 16.00 7.27
C2 GLC B . 4.17 17.28 7.90
C3 GLC B . 4.25 17.17 9.43
C4 GLC B . 2.87 16.81 9.99
C5 GLC B . 2.51 15.44 9.38
C6 GLC B . 1.13 14.92 9.81
O2 GLC B . 5.50 17.50 7.43
O3 GLC B . 4.70 18.39 9.98
O4 GLC B . 2.77 16.81 11.40
O5 GLC B . 2.45 15.60 7.98
O6 GLC B . 0.05 15.55 9.13
CA CA C . -0.33 -1.60 -18.70
CA CA D . 1.62 1.35 -26.30
CA CA E . 15.17 8.45 30.11
CA CA F . 14.43 -19.01 14.96
NA NA G . -0.08 -0.05 -22.49
C TRS H . -4.36 -4.73 -7.09
C1 TRS H . -5.48 -4.41 -8.12
C2 TRS H . -4.94 -4.09 -5.79
C3 TRS H . -3.88 -6.11 -7.01
N TRS H . -3.12 -3.92 -7.67
O1 TRS H . -5.41 -5.36 -9.18
O2 TRS H . -3.74 -3.60 -5.03
O3 TRS H . -5.00 -6.76 -6.41
#